data_7UL2
#
_entry.id   7UL2
#
_cell.length_a   1.00
_cell.length_b   1.00
_cell.length_c   1.00
_cell.angle_alpha   90.00
_cell.angle_beta   90.00
_cell.angle_gamma   90.00
#
_symmetry.space_group_name_H-M   'P 1'
#
loop_
_entity.id
_entity.type
_entity.pdbx_description
1 polymer 'Neurotensin receptor 1'
2 polymer 'Nanobody 6'
3 non-polymer '2-[[1-(7-chloranylquinolin-4-yl)-5-(2,6-dimethoxyphenyl)pyrazol-3-yl]carbonylamino]adamantane-2-carboxylic acid'
4 non-polymer 'SODIUM ION'
5 water water
#
loop_
_entity_poly.entity_id
_entity_poly.type
_entity_poly.pdbx_seq_one_letter_code
_entity_poly.pdbx_strand_id
1 'polypeptide(L)'
;DYKDDDDAMGQPGNGSAFLLAPNRSHAPDHDVENLYFQGQRAQAGLEEALLAPGFGNASGNASERVLAAPSSELDVNTDI
YSKVLVTAVYLALFVVGTVGNTVTLFTLARKKSLQSLQSTVHYHLGSLALSDLLTLLLAMPVELYNFIWVHHPWAFGDAG
CRGYYFLRDACTYATALNVASLSVERYLAICHPFKAKTLMSRSRTKKFISAIWLASALLAVPMLFTMGEQNRSADGQHAG
GLVCTPTIHTATVKVVIQVNTFMSFIFPMVVISVLYTLMILRLKSVRLLSGSREKDRNLRRITRLVLAVVIAFVVCWLPY
HVRRLMFCYISDEQWTPFLYDFYHYFYMVTNALFYVSSTINPILYNLVSANFRHIFLATLACLCPVWRRRRKRPAFSRKA
DSVSSNHTLSSNATRETLY
;
R
2 'polypeptide(L)'
;MAQVQLQESGGGLVQAGESLRLSCAASGTIFRLYDMGWYRRVSGNQRELVASITSGGSTKYGDSVKGRFTISRDNAKNTV
YLQMSSLKPEDTAVYYCNAEYRTGIWEELLDGWGQGTQVTVSSHHHHHHEPEA
;
D
#
loop_
_chem_comp.id
_chem_comp.type
_chem_comp.name
_chem_comp.formula
NA non-polymer 'SODIUM ION' 'Na 1'
Q6Q non-polymer '2-[[1-(7-chloranylquinolin-4-yl)-5-(2,6-dimethoxyphenyl)pyrazol-3-yl]carbonylamino]adamantane-2-carboxylic acid' 'C32 H31 Cl N4 O5'
#
# COMPACT_ATOMS: atom_id res chain seq x y z
N ILE A 80 3.22 11.31 -32.91
CA ILE A 80 2.04 10.45 -32.81
C ILE A 80 2.35 9.09 -32.23
N TYR A 81 3.50 8.53 -32.63
CA TYR A 81 3.81 7.16 -32.26
C TYR A 81 3.81 7.00 -30.75
N SER A 82 4.32 7.98 -30.03
CA SER A 82 4.29 7.95 -28.58
C SER A 82 2.86 7.92 -28.06
N LYS A 83 1.95 8.66 -28.71
CA LYS A 83 0.58 8.74 -28.22
C LYS A 83 -0.12 7.38 -28.20
N VAL A 84 0.02 6.59 -29.28
CA VAL A 84 -0.61 5.27 -29.27
C VAL A 84 0.05 4.37 -28.23
N LEU A 85 1.37 4.49 -28.07
CA LEU A 85 2.07 3.68 -27.07
C LEU A 85 1.58 3.97 -25.66
N VAL A 86 1.42 5.24 -25.31
CA VAL A 86 0.91 5.59 -23.98
C VAL A 86 -0.56 5.17 -23.84
N THR A 87 -1.36 5.41 -24.88
CA THR A 87 -2.79 5.13 -24.85
C THR A 87 -3.10 3.65 -24.66
N ALA A 88 -2.32 2.77 -25.31
CA ALA A 88 -2.52 1.33 -25.13
C ALA A 88 -2.19 0.88 -23.71
N VAL A 89 -1.15 1.45 -23.09
CA VAL A 89 -0.80 1.09 -21.71
C VAL A 89 -1.89 1.51 -20.74
N TYR A 90 -2.51 2.67 -20.97
CA TYR A 90 -3.60 3.14 -20.10
C TYR A 90 -4.84 2.26 -20.20
N LEU A 91 -5.19 1.84 -21.43
CA LEU A 91 -6.37 1.02 -21.64
C LEU A 91 -6.23 -0.33 -20.95
N ALA A 92 -5.04 -0.93 -21.01
CA ALA A 92 -4.83 -2.20 -20.34
C ALA A 92 -5.03 -2.06 -18.83
N LEU A 93 -4.52 -0.98 -18.23
CA LEU A 93 -4.68 -0.78 -16.80
C LEU A 93 -6.17 -0.60 -16.45
N PHE A 94 -6.90 0.14 -17.28
CA PHE A 94 -8.30 0.46 -16.99
C PHE A 94 -9.17 -0.80 -16.96
N VAL A 95 -8.96 -1.72 -17.90
CA VAL A 95 -9.71 -2.99 -17.90
C VAL A 95 -9.37 -3.81 -16.66
N VAL A 96 -8.09 -4.01 -16.38
CA VAL A 96 -7.71 -4.86 -15.26
C VAL A 96 -8.16 -4.24 -13.94
N GLY A 97 -7.88 -2.95 -13.78
CA GLY A 97 -8.24 -2.28 -12.55
C GLY A 97 -9.73 -2.22 -12.29
N THR A 98 -10.51 -1.92 -13.32
CA THR A 98 -11.95 -1.76 -13.13
C THR A 98 -12.60 -3.08 -12.70
N VAL A 99 -12.33 -4.15 -13.43
CA VAL A 99 -12.94 -5.44 -13.09
C VAL A 99 -12.48 -5.92 -11.70
N GLY A 100 -11.18 -5.81 -11.42
CA GLY A 100 -10.67 -6.31 -10.15
C GLY A 100 -11.21 -5.60 -8.92
N ASN A 101 -11.22 -4.27 -8.93
CA ASN A 101 -11.76 -3.53 -7.78
C ASN A 101 -13.27 -3.71 -7.65
N THR A 102 -14.00 -3.77 -8.77
CA THR A 102 -15.43 -4.02 -8.68
C THR A 102 -15.73 -5.39 -8.08
N VAL A 103 -15.00 -6.44 -8.49
CA VAL A 103 -15.19 -7.75 -7.87
C VAL A 103 -14.77 -7.72 -6.41
N THR A 104 -13.69 -7.00 -6.08
CA THR A 104 -13.21 -7.03 -4.71
C THR A 104 -14.29 -6.54 -3.74
N LEU A 105 -15.04 -5.52 -4.14
CA LEU A 105 -16.16 -5.01 -3.34
C LEU A 105 -17.20 -6.11 -3.04
N PHE A 106 -17.76 -6.74 -4.07
CA PHE A 106 -18.72 -7.83 -3.78
C PHE A 106 -18.06 -8.99 -3.07
N THR A 107 -16.84 -9.37 -3.48
CA THR A 107 -16.22 -10.54 -2.86
C THR A 107 -16.06 -10.34 -1.37
N LEU A 108 -15.54 -9.17 -0.98
CA LEU A 108 -15.42 -8.83 0.43
C LEU A 108 -16.79 -8.74 1.10
N ALA A 109 -17.82 -8.35 0.36
CA ALA A 109 -19.15 -8.15 0.95
C ALA A 109 -19.73 -9.43 1.52
N ARG A 110 -20.08 -10.38 0.65
CA ARG A 110 -20.74 -11.60 1.08
C ARG A 110 -19.85 -12.40 2.02
N SER A 119 -13.00 -9.03 9.16
CA SER A 119 -14.12 -8.09 9.18
C SER A 119 -13.57 -6.68 9.32
N THR A 120 -12.69 -6.51 10.31
CA THR A 120 -11.98 -5.25 10.44
C THR A 120 -11.05 -5.01 9.26
N VAL A 121 -10.34 -6.06 8.81
CA VAL A 121 -9.48 -5.94 7.63
C VAL A 121 -10.32 -5.65 6.40
N HIS A 122 -11.51 -6.25 6.32
CA HIS A 122 -12.37 -6.13 5.16
C HIS A 122 -12.73 -4.68 4.83
N TYR A 123 -13.04 -3.86 5.84
CA TYR A 123 -13.42 -2.47 5.58
C TYR A 123 -12.29 -1.65 4.96
N HIS A 124 -11.06 -1.79 5.46
CA HIS A 124 -9.92 -1.05 4.91
C HIS A 124 -9.65 -1.42 3.47
N LEU A 125 -9.73 -2.70 3.14
CA LEU A 125 -9.52 -3.10 1.76
C LEU A 125 -10.67 -2.65 0.89
N GLY A 126 -11.87 -2.55 1.46
CA GLY A 126 -12.98 -2.00 0.71
C GLY A 126 -12.77 -0.54 0.38
N SER A 127 -12.29 0.22 1.35
CA SER A 127 -12.06 1.65 1.14
C SER A 127 -10.98 1.89 0.10
N LEU A 128 -9.93 1.06 0.09
CA LEU A 128 -8.90 1.21 -0.92
C LEU A 128 -9.46 0.96 -2.32
N ALA A 129 -10.32 -0.05 -2.45
CA ALA A 129 -10.89 -0.36 -3.76
C ALA A 129 -11.68 0.84 -4.29
N LEU A 130 -12.33 1.59 -3.39
CA LEU A 130 -13.16 2.72 -3.82
C LEU A 130 -12.31 3.89 -4.28
N SER A 131 -11.23 4.21 -3.56
CA SER A 131 -10.33 5.24 -4.03
C SER A 131 -9.80 4.93 -5.43
N ASP A 132 -9.49 3.65 -5.69
CA ASP A 132 -9.00 3.24 -7.01
C ASP A 132 -10.06 3.45 -8.10
N LEU A 133 -11.31 3.07 -7.83
CA LEU A 133 -12.34 3.18 -8.86
C LEU A 133 -12.56 4.62 -9.30
N LEU A 134 -12.52 5.56 -8.35
CA LEU A 134 -12.65 6.96 -8.73
C LEU A 134 -11.50 7.39 -9.62
N THR A 135 -10.28 6.95 -9.30
CA THR A 135 -9.11 7.35 -10.08
C THR A 135 -9.21 6.86 -11.51
N LEU A 136 -9.66 5.62 -11.69
CA LEU A 136 -9.75 5.05 -13.04
C LEU A 136 -10.95 5.58 -13.82
N LEU A 137 -12.07 5.87 -13.17
CA LEU A 137 -13.26 6.25 -13.91
C LEU A 137 -13.35 7.74 -14.21
N LEU A 138 -12.82 8.60 -13.35
CA LEU A 138 -12.94 10.02 -13.59
C LEU A 138 -11.63 10.68 -14.04
N ALA A 139 -10.52 10.44 -13.33
CA ALA A 139 -9.27 11.13 -13.66
C ALA A 139 -8.70 10.72 -15.00
N MET A 140 -8.65 9.42 -15.31
CA MET A 140 -8.00 8.98 -16.55
C MET A 140 -8.68 9.45 -17.83
N PRO A 141 -10.01 9.41 -17.96
CA PRO A 141 -10.61 9.93 -19.20
C PRO A 141 -10.27 11.39 -19.47
N VAL A 142 -10.26 12.26 -18.46
CA VAL A 142 -9.82 13.63 -18.69
C VAL A 142 -8.36 13.67 -19.15
N GLU A 143 -7.48 12.87 -18.55
CA GLU A 143 -6.05 12.91 -18.91
C GLU A 143 -5.83 12.51 -20.37
N LEU A 144 -6.51 11.47 -20.84
CA LEU A 144 -6.36 11.02 -22.21
C LEU A 144 -6.83 12.07 -23.23
N TYR A 145 -7.96 12.72 -22.99
CA TYR A 145 -8.47 13.68 -23.97
C TYR A 145 -7.68 14.99 -24.02
N ASN A 146 -7.49 15.66 -22.87
CA ASN A 146 -6.94 17.00 -22.86
C ASN A 146 -5.45 17.06 -22.56
N PHE A 147 -4.79 15.95 -22.39
CA PHE A 147 -3.34 15.94 -22.23
C PHE A 147 -2.63 15.13 -23.30
N ILE A 148 -3.03 13.88 -23.52
CA ILE A 148 -2.32 13.06 -24.50
C ILE A 148 -2.67 13.46 -25.93
N TRP A 149 -3.95 13.64 -26.23
CA TRP A 149 -4.33 13.84 -27.63
C TRP A 149 -4.55 15.30 -28.02
N VAL A 150 -5.34 16.06 -27.26
CA VAL A 150 -5.66 17.45 -27.60
C VAL A 150 -5.02 18.32 -26.54
N HIS A 151 -3.83 18.85 -26.86
CA HIS A 151 -3.13 19.73 -25.93
C HIS A 151 -3.83 21.07 -25.79
N HIS A 152 -4.32 21.64 -26.89
CA HIS A 152 -4.92 22.95 -26.85
C HIS A 152 -6.14 23.01 -27.77
N PRO A 153 -7.21 23.68 -27.34
CA PRO A 153 -7.48 24.33 -26.06
C PRO A 153 -8.18 23.46 -25.02
N TRP A 154 -8.17 23.91 -23.77
CA TRP A 154 -8.90 23.23 -22.71
C TRP A 154 -10.39 23.25 -23.03
N ALA A 155 -11.06 22.13 -22.80
CA ALA A 155 -12.43 21.98 -23.25
C ALA A 155 -13.43 21.73 -22.16
N PHE A 156 -13.01 21.65 -20.91
CA PHE A 156 -13.89 21.26 -19.83
C PHE A 156 -14.43 22.43 -19.03
N GLY A 157 -14.09 23.65 -19.41
CA GLY A 157 -14.52 24.83 -18.69
C GLY A 157 -13.68 25.11 -17.45
N ASP A 158 -13.96 26.27 -16.85
CA ASP A 158 -13.22 26.64 -15.65
C ASP A 158 -13.48 25.64 -14.52
N ALA A 159 -14.74 25.27 -14.33
CA ALA A 159 -15.08 24.39 -13.21
C ALA A 159 -14.37 23.05 -13.34
N GLY A 160 -14.37 22.48 -14.55
CA GLY A 160 -13.70 21.22 -14.76
C GLY A 160 -12.22 21.29 -14.47
N CYS A 161 -11.58 22.42 -14.81
CA CYS A 161 -10.17 22.57 -14.53
C CYS A 161 -9.90 22.48 -13.04
N ARG A 162 -10.76 23.11 -12.25
CA ARG A 162 -10.60 23.10 -10.80
C ARG A 162 -10.95 21.74 -10.22
N GLY A 163 -12.04 21.15 -10.69
CA GLY A 163 -12.44 19.84 -10.23
C GLY A 163 -11.42 18.75 -10.49
N TYR A 164 -10.79 18.75 -11.66
CA TYR A 164 -9.82 17.70 -12.00
C TYR A 164 -8.59 17.70 -11.09
N TYR A 165 -7.97 18.85 -10.85
CA TYR A 165 -6.84 18.86 -9.92
C TYR A 165 -7.26 18.51 -8.50
N PHE A 166 -8.44 18.97 -8.08
CA PHE A 166 -8.93 18.66 -6.75
C PHE A 166 -9.09 17.16 -6.57
N LEU A 167 -9.62 16.46 -7.57
CA LEU A 167 -9.81 15.02 -7.46
C LEU A 167 -8.50 14.27 -7.30
N ARG A 168 -7.49 14.61 -8.11
CA ARG A 168 -6.22 13.87 -8.02
C ARG A 168 -5.61 14.01 -6.62
N ASP A 169 -5.61 15.22 -6.05
CA ASP A 169 -5.12 15.36 -4.68
C ASP A 169 -5.97 14.57 -3.68
N ALA A 170 -7.30 14.62 -3.81
CA ALA A 170 -8.16 13.93 -2.86
C ALA A 170 -7.92 12.42 -2.88
N CYS A 171 -7.77 11.84 -4.07
CA CYS A 171 -7.43 10.43 -4.17
C CYS A 171 -6.06 10.13 -3.57
N THR A 172 -5.10 11.04 -3.74
CA THR A 172 -3.74 10.86 -3.24
C THR A 172 -3.74 10.75 -1.72
N TYR A 173 -4.48 11.65 -1.05
CA TYR A 173 -4.57 11.62 0.40
C TYR A 173 -5.29 10.37 0.91
N ALA A 174 -6.39 10.00 0.25
CA ALA A 174 -7.19 8.87 0.69
C ALA A 174 -6.39 7.57 0.67
N THR A 175 -5.59 7.34 -0.38
CA THR A 175 -4.81 6.12 -0.48
C THR A 175 -3.75 6.02 0.63
N ALA A 176 -2.97 7.08 0.83
CA ALA A 176 -1.92 7.04 1.83
C ALA A 176 -2.51 6.91 3.23
N LEU A 177 -3.60 7.62 3.50
CA LEU A 177 -4.22 7.53 4.82
C LEU A 177 -4.76 6.14 5.10
N ASN A 178 -5.37 5.50 4.11
CA ASN A 178 -5.87 4.14 4.30
C ASN A 178 -4.75 3.15 4.61
N VAL A 179 -3.63 3.24 3.88
CA VAL A 179 -2.51 2.31 4.09
C VAL A 179 -1.89 2.50 5.48
N ALA A 180 -1.78 3.74 5.94
CA ALA A 180 -1.27 3.95 7.30
C ALA A 180 -2.24 3.42 8.36
N SER A 181 -3.54 3.64 8.19
CA SER A 181 -4.53 3.13 9.13
C SER A 181 -4.60 1.60 9.09
N LEU A 182 -4.46 1.00 7.90
CA LEU A 182 -4.45 -0.45 7.79
C LEU A 182 -3.23 -1.02 8.50
N SER A 183 -2.12 -0.28 8.46
CA SER A 183 -0.91 -0.65 9.17
C SER A 183 -1.12 -0.57 10.68
N VAL A 184 -1.93 0.39 11.13
CA VAL A 184 -2.24 0.55 12.55
C VAL A 184 -3.03 -0.65 13.08
N GLU A 185 -3.98 -1.16 12.29
CA GLU A 185 -4.79 -2.29 12.72
C GLU A 185 -3.96 -3.57 12.89
N ARG A 186 -3.00 -3.82 11.99
CA ARG A 186 -2.12 -5.00 12.12
C ARG A 186 -1.26 -4.92 13.38
N TYR A 187 -0.71 -3.73 13.65
CA TYR A 187 0.16 -3.54 14.82
C TYR A 187 -0.57 -3.79 16.14
N LEU A 188 -1.81 -3.32 16.25
CA LEU A 188 -2.57 -3.53 17.49
C LEU A 188 -2.89 -5.00 17.70
N ALA A 189 -3.16 -5.73 16.62
CA ALA A 189 -3.46 -7.15 16.71
C ALA A 189 -2.27 -7.96 17.23
N ILE A 190 -1.05 -7.62 16.79
CA ILE A 190 0.13 -8.38 17.17
C ILE A 190 0.63 -8.00 18.56
N CYS A 191 0.75 -6.71 18.86
CA CYS A 191 1.41 -6.26 20.08
C CYS A 191 0.47 -5.98 21.26
N HIS A 192 -0.83 -5.78 21.04
CA HIS A 192 -1.78 -5.58 22.14
C HIS A 192 -3.09 -6.31 21.85
N PRO A 193 -3.05 -7.64 21.81
CA PRO A 193 -4.26 -8.36 21.35
C PRO A 193 -5.53 -8.10 22.16
N PHE A 194 -5.44 -8.11 23.48
CA PHE A 194 -6.63 -7.88 24.30
C PHE A 194 -7.13 -6.44 24.20
N LYS A 195 -6.22 -5.47 24.25
CA LYS A 195 -6.61 -4.06 24.17
C LYS A 195 -7.27 -3.73 22.84
N ALA A 196 -6.82 -4.38 21.76
CA ALA A 196 -7.32 -4.06 20.42
C ALA A 196 -8.81 -4.34 20.29
N LYS A 197 -9.33 -5.36 20.96
CA LYS A 197 -10.72 -5.76 20.73
C LYS A 197 -11.66 -4.58 20.94
N THR A 198 -11.51 -3.87 22.05
CA THR A 198 -12.29 -2.65 22.26
C THR A 198 -11.80 -1.50 21.39
N LEU A 199 -10.48 -1.31 21.28
CA LEU A 199 -9.98 -0.14 20.58
C LEU A 199 -10.45 -0.10 19.15
N MET A 200 -10.42 -1.23 18.46
CA MET A 200 -10.98 -1.34 17.13
C MET A 200 -12.22 -2.19 17.26
N SER A 201 -13.38 -1.55 17.14
CA SER A 201 -14.68 -2.20 17.14
C SER A 201 -15.35 -1.87 15.82
N ARG A 202 -16.32 -2.70 15.42
CA ARG A 202 -16.93 -2.51 14.11
C ARG A 202 -17.58 -1.13 14.01
N SER A 203 -18.27 -0.69 15.07
CA SER A 203 -18.86 0.64 15.06
C SER A 203 -17.79 1.72 14.95
N ARG A 204 -16.68 1.56 15.67
CA ARG A 204 -15.63 2.57 15.61
C ARG A 204 -14.87 2.49 14.29
N THR A 205 -14.84 1.31 13.67
CA THR A 205 -14.19 1.21 12.37
C THR A 205 -14.97 1.98 11.32
N LYS A 206 -16.29 1.89 11.35
CA LYS A 206 -17.07 2.63 10.36
C LYS A 206 -16.85 4.13 10.52
N LYS A 207 -16.67 4.59 11.76
CA LYS A 207 -16.52 6.02 11.98
C LYS A 207 -15.13 6.52 11.61
N PHE A 208 -14.10 5.71 11.86
CA PHE A 208 -12.75 6.14 11.53
C PHE A 208 -12.54 6.26 10.03
N ILE A 209 -13.20 5.40 9.24
CA ILE A 209 -13.11 5.49 7.78
C ILE A 209 -13.84 6.72 7.26
N SER A 210 -14.97 7.08 7.85
CA SER A 210 -15.65 8.31 7.43
C SER A 210 -14.74 9.52 7.62
N ALA A 211 -14.05 9.58 8.76
CA ALA A 211 -13.16 10.69 9.02
C ALA A 211 -12.07 10.79 7.98
N ILE A 212 -11.57 9.64 7.51
CA ILE A 212 -10.48 9.64 6.55
C ILE A 212 -10.90 10.29 5.25
N TRP A 213 -12.09 9.95 4.76
CA TRP A 213 -12.60 10.54 3.53
C TRP A 213 -12.84 12.03 3.67
N LEU A 214 -13.40 12.46 4.81
CA LEU A 214 -13.64 13.87 5.08
C LEU A 214 -12.33 14.65 5.14
N ALA A 215 -11.33 14.08 5.80
CA ALA A 215 -10.04 14.75 5.90
C ALA A 215 -9.39 14.91 4.54
N SER A 216 -9.51 13.88 3.70
CA SER A 216 -8.84 13.90 2.40
C SER A 216 -9.36 15.02 1.53
N ALA A 217 -10.68 15.24 1.54
CA ALA A 217 -11.26 16.30 0.73
C ALA A 217 -10.85 17.67 1.24
N LEU A 218 -10.74 17.83 2.55
CA LEU A 218 -10.35 19.11 3.12
C LEU A 218 -8.89 19.44 2.79
N LEU A 219 -8.01 18.44 2.85
CA LEU A 219 -6.60 18.67 2.51
C LEU A 219 -6.44 19.05 1.04
N ALA A 220 -7.35 18.64 0.17
CA ALA A 220 -7.25 18.93 -1.27
C ALA A 220 -7.90 20.26 -1.66
N VAL A 221 -8.46 20.99 -0.70
CA VAL A 221 -9.13 22.26 -1.03
C VAL A 221 -8.18 23.31 -1.58
N PRO A 222 -6.94 23.44 -1.11
CA PRO A 222 -6.08 24.53 -1.62
C PRO A 222 -5.88 24.47 -3.13
N MET A 223 -5.74 23.29 -3.72
CA MET A 223 -5.51 23.23 -5.15
C MET A 223 -6.71 23.73 -5.94
N LEU A 224 -7.90 23.76 -5.34
CA LEU A 224 -9.05 24.39 -5.99
C LEU A 224 -8.67 25.82 -6.37
N PHE A 225 -8.17 26.58 -5.39
CA PHE A 225 -7.84 27.98 -5.60
C PHE A 225 -6.57 28.18 -6.41
N THR A 226 -5.65 27.22 -6.44
CA THR A 226 -4.40 27.39 -7.15
C THR A 226 -4.54 27.35 -8.67
N MET A 227 -5.54 26.64 -9.19
CA MET A 227 -5.65 26.38 -10.62
C MET A 227 -6.90 27.05 -11.18
N GLY A 228 -6.81 27.51 -12.42
CA GLY A 228 -7.95 28.11 -13.10
C GLY A 228 -7.85 28.07 -14.60
N GLU A 229 -8.90 28.55 -15.24
CA GLU A 229 -9.02 28.62 -16.69
C GLU A 229 -8.82 30.08 -17.10
N GLN A 230 -7.87 30.33 -17.98
CA GLN A 230 -7.55 31.68 -18.42
C GLN A 230 -7.41 31.72 -19.93
N ASN A 231 -7.73 32.88 -20.49
CA ASN A 231 -7.58 33.13 -21.93
C ASN A 231 -6.17 33.65 -22.16
N ARG A 232 -5.38 32.87 -22.89
CA ARG A 232 -3.97 33.15 -23.11
C ARG A 232 -3.78 33.79 -24.47
N SER A 233 -3.28 35.01 -24.50
CA SER A 233 -3.09 35.72 -25.75
C SER A 233 -1.90 35.19 -26.52
N ALA A 234 -1.95 35.33 -27.84
CA ALA A 234 -0.89 34.93 -28.75
C ALA A 234 -0.10 33.71 -28.27
N HIS A 238 3.09 28.86 -29.56
CA HIS A 238 2.07 28.89 -28.51
C HIS A 238 0.89 29.77 -28.92
N ALA A 239 -0.07 29.15 -29.62
CA ALA A 239 -1.26 29.87 -30.04
C ALA A 239 -2.11 30.28 -28.83
N GLY A 240 -2.67 31.48 -28.89
CA GLY A 240 -3.49 31.97 -27.81
C GLY A 240 -4.84 31.28 -27.74
N GLY A 241 -5.42 31.30 -26.55
CA GLY A 241 -6.70 30.65 -26.32
C GLY A 241 -6.83 30.19 -24.89
N LEU A 242 -7.93 29.48 -24.63
CA LEU A 242 -8.26 29.00 -23.29
C LEU A 242 -7.31 27.91 -22.82
N VAL A 243 -6.79 28.03 -21.60
CA VAL A 243 -5.85 27.08 -21.02
C VAL A 243 -6.17 26.87 -19.54
N CYS A 244 -5.72 25.72 -19.02
CA CYS A 244 -5.76 25.42 -17.59
C CYS A 244 -4.33 25.61 -17.07
N THR A 245 -4.14 26.63 -16.23
CA THR A 245 -2.81 27.04 -15.80
C THR A 245 -2.89 27.58 -14.38
N PRO A 246 -1.76 27.59 -13.66
CA PRO A 246 -1.73 28.21 -12.33
C PRO A 246 -2.04 29.70 -12.38
N THR A 247 -2.87 30.16 -11.43
CA THR A 247 -3.37 31.53 -11.40
C THR A 247 -2.86 32.33 -10.20
N ILE A 248 -1.77 31.89 -9.56
CA ILE A 248 -1.19 32.55 -8.40
C ILE A 248 0.29 32.71 -8.68
N HIS A 249 0.99 33.41 -7.78
CA HIS A 249 2.42 33.61 -7.95
C HIS A 249 3.15 32.26 -7.88
N THR A 250 4.17 32.12 -8.74
CA THR A 250 4.87 30.84 -8.84
C THR A 250 5.62 30.46 -7.57
N ALA A 251 6.10 31.44 -6.80
CA ALA A 251 6.71 31.12 -5.52
C ALA A 251 5.72 30.47 -4.55
N THR A 252 4.51 31.01 -4.45
CA THR A 252 3.52 30.45 -3.54
C THR A 252 3.13 29.03 -3.97
N VAL A 253 3.10 28.77 -5.29
CA VAL A 253 2.76 27.46 -5.80
C VAL A 253 3.72 26.41 -5.24
N LYS A 254 5.01 26.75 -5.17
CA LYS A 254 6.00 25.83 -4.67
C LYS A 254 5.73 25.44 -3.22
N VAL A 255 5.32 26.40 -2.41
CA VAL A 255 4.95 26.10 -1.02
C VAL A 255 3.83 25.07 -0.98
N VAL A 256 2.83 25.20 -1.84
CA VAL A 256 1.71 24.27 -1.83
C VAL A 256 2.17 22.85 -2.19
N ILE A 257 3.05 22.73 -3.18
CA ILE A 257 3.56 21.41 -3.57
C ILE A 257 4.39 20.76 -2.46
N GLN A 258 5.27 21.53 -1.80
CA GLN A 258 6.09 20.96 -0.73
C GLN A 258 5.25 20.51 0.46
N VAL A 259 4.24 21.30 0.86
CA VAL A 259 3.39 20.93 1.98
C VAL A 259 2.64 19.64 1.69
N ASN A 260 2.14 19.48 0.47
CA ASN A 260 1.46 18.24 0.11
C ASN A 260 2.39 17.04 0.18
N THR A 261 3.65 17.21 -0.24
CA THR A 261 4.60 16.10 -0.19
C THR A 261 4.82 15.61 1.23
N PHE A 262 4.99 16.52 2.17
CA PHE A 262 5.16 16.11 3.56
C PHE A 262 3.89 15.46 4.14
N MET A 263 2.73 16.10 4.01
CA MET A 263 1.50 15.54 4.57
C MET A 263 1.07 14.24 3.88
N SER A 264 1.26 14.13 2.57
CA SER A 264 0.77 12.92 1.91
C SER A 264 1.78 11.77 1.88
N PHE A 265 3.08 12.01 1.94
CA PHE A 265 4.04 10.93 1.77
C PHE A 265 5.02 10.79 2.93
N ILE A 266 5.73 11.86 3.29
CA ILE A 266 6.76 11.75 4.31
C ILE A 266 6.18 11.35 5.66
N PHE A 267 5.11 12.00 6.09
CA PHE A 267 4.56 11.65 7.40
C PHE A 267 4.04 10.22 7.43
N PRO A 268 3.23 9.76 6.46
CA PRO A 268 2.83 8.35 6.48
C PRO A 268 3.98 7.36 6.51
N MET A 269 5.06 7.63 5.79
CA MET A 269 6.18 6.67 5.70
C MET A 269 6.90 6.51 7.04
N VAL A 270 7.03 7.60 7.81
CA VAL A 270 7.67 7.53 9.11
C VAL A 270 6.88 6.65 10.08
N VAL A 271 5.56 6.85 10.15
CA VAL A 271 4.75 6.03 11.03
C VAL A 271 4.75 4.56 10.59
N ILE A 272 4.61 4.32 9.29
CA ILE A 272 4.55 2.94 8.81
C ILE A 272 5.86 2.22 9.08
N SER A 273 6.99 2.92 8.92
CA SER A 273 8.29 2.30 9.14
C SER A 273 8.46 1.88 10.58
N VAL A 274 8.08 2.73 11.52
CA VAL A 274 8.26 2.46 12.96
C VAL A 274 7.39 1.30 13.41
N LEU A 275 6.12 1.28 13.02
CA LEU A 275 5.22 0.20 13.40
C LEU A 275 5.61 -1.16 12.79
N TYR A 276 6.05 -1.18 11.53
CA TYR A 276 6.50 -2.45 10.95
C TYR A 276 7.80 -2.95 11.58
N THR A 277 8.72 -2.04 11.94
CA THR A 277 9.94 -2.46 12.60
C THR A 277 9.63 -3.16 13.91
N LEU A 278 8.69 -2.59 14.66
CA LEU A 278 8.33 -3.17 15.94
C LEU A 278 7.73 -4.56 15.74
N MET A 279 6.85 -4.72 14.75
CA MET A 279 6.15 -5.99 14.58
C MET A 279 7.13 -7.12 14.31
N ILE A 280 8.09 -6.89 13.42
CA ILE A 280 9.05 -7.92 13.02
C ILE A 280 9.90 -8.36 14.22
N LEU A 281 10.25 -7.44 15.10
CA LEU A 281 10.98 -7.80 16.31
C LEU A 281 10.16 -8.73 17.20
N ARG A 282 8.86 -8.47 17.35
CA ARG A 282 8.01 -9.42 18.06
C ARG A 282 7.87 -10.75 17.30
N LEU A 283 7.69 -10.71 15.98
CA LEU A 283 7.44 -11.94 15.25
C LEU A 283 8.62 -12.91 15.32
N LYS A 284 9.83 -12.37 15.29
CA LYS A 284 11.03 -13.21 15.30
C LYS A 284 11.30 -13.84 16.66
N SER A 285 10.60 -13.40 17.71
CA SER A 285 10.88 -13.86 19.07
C SER A 285 9.83 -14.79 19.65
N VAL A 286 8.54 -14.46 19.53
CA VAL A 286 7.49 -15.20 20.22
C VAL A 286 7.26 -16.57 19.61
N ARG A 287 6.99 -17.55 20.46
CA ARG A 287 6.77 -18.92 20.02
C ARG A 287 5.36 -19.08 19.45
N LEU A 288 4.35 -18.51 20.09
CA LEU A 288 2.99 -18.65 19.64
C LEU A 288 2.26 -17.35 19.91
N LEU A 289 1.45 -16.92 18.95
CA LEU A 289 0.68 -15.68 19.06
C LEU A 289 -0.79 -16.08 19.19
N SER A 290 -1.50 -15.45 20.11
CA SER A 290 -2.92 -15.63 20.31
C SER A 290 -3.21 -16.93 21.07
N GLY A 291 -2.19 -17.72 21.39
CA GLY A 291 -2.33 -18.90 22.22
C GLY A 291 -2.79 -20.17 21.54
N SER A 292 -3.08 -20.14 20.25
CA SER A 292 -3.37 -21.35 19.50
C SER A 292 -2.54 -21.38 18.22
N ARG A 293 -2.32 -22.59 17.69
CA ARG A 293 -1.59 -22.70 16.43
C ARG A 293 -2.40 -22.13 15.28
N GLU A 294 -3.70 -22.42 15.21
CA GLU A 294 -4.47 -21.98 14.05
C GLU A 294 -4.57 -20.47 13.98
N LYS A 295 -4.80 -19.82 15.12
CA LYS A 295 -4.94 -18.38 15.12
C LYS A 295 -3.58 -17.71 14.91
N ASP A 296 -2.50 -18.38 15.31
CA ASP A 296 -1.16 -17.86 15.05
C ASP A 296 -0.87 -17.89 13.56
N ARG A 297 -1.20 -19.01 12.91
CA ARG A 297 -0.93 -19.14 11.49
C ARG A 297 -1.75 -18.13 10.70
N ASN A 298 -2.99 -17.90 11.11
CA ASN A 298 -3.85 -16.93 10.45
C ASN A 298 -3.29 -15.51 10.54
N LEU A 299 -2.85 -15.11 11.73
CA LEU A 299 -2.32 -13.77 11.92
C LEU A 299 -1.08 -13.50 11.07
N ARG A 300 -0.17 -14.48 10.99
CA ARG A 300 1.07 -14.27 10.25
C ARG A 300 0.80 -14.10 8.76
N ARG A 301 -0.12 -14.87 8.20
CA ARG A 301 -0.47 -14.74 6.79
C ARG A 301 -1.10 -13.39 6.46
N ILE A 302 -2.03 -12.90 7.29
CA ILE A 302 -2.62 -11.59 7.06
C ILE A 302 -1.60 -10.46 7.20
N THR A 303 -0.70 -10.56 8.16
CA THR A 303 0.30 -9.51 8.31
C THR A 303 1.23 -9.45 7.11
N ARG A 304 1.61 -10.61 6.59
CA ARG A 304 2.43 -10.66 5.39
C ARG A 304 1.73 -10.02 4.18
N LEU A 305 0.43 -10.25 4.02
CA LEU A 305 -0.33 -9.63 2.93
C LEU A 305 -0.31 -8.10 3.00
N VAL A 306 -0.50 -7.52 4.19
CA VAL A 306 -0.51 -6.06 4.32
C VAL A 306 0.87 -5.48 4.01
N LEU A 307 1.95 -6.17 4.41
CA LEU A 307 3.29 -5.69 4.13
C LEU A 307 3.55 -5.62 2.62
N ALA A 308 3.02 -6.57 1.85
CA ALA A 308 3.11 -6.48 0.41
C ALA A 308 2.39 -5.25 -0.13
N VAL A 309 1.27 -4.88 0.47
CA VAL A 309 0.58 -3.65 0.05
C VAL A 309 1.50 -2.44 0.24
N VAL A 310 2.21 -2.41 1.36
CA VAL A 310 3.10 -1.30 1.68
C VAL A 310 4.25 -1.18 0.67
N ILE A 311 4.87 -2.29 0.30
CA ILE A 311 6.02 -2.23 -0.61
C ILE A 311 5.60 -1.73 -1.99
N ALA A 312 4.46 -2.21 -2.50
CA ALA A 312 3.94 -1.70 -3.76
C ALA A 312 3.65 -0.20 -3.68
N PHE A 313 3.15 0.28 -2.54
CA PHE A 313 2.90 1.70 -2.37
C PHE A 313 4.18 2.53 -2.47
N VAL A 314 5.27 2.06 -1.85
CA VAL A 314 6.50 2.83 -1.83
C VAL A 314 7.11 2.90 -3.22
N VAL A 315 7.03 1.80 -3.97
CA VAL A 315 7.62 1.75 -5.31
C VAL A 315 6.92 2.72 -6.25
N CYS A 316 5.59 2.74 -6.24
CA CYS A 316 4.85 3.61 -7.16
C CYS A 316 4.89 5.09 -6.77
N TRP A 317 4.74 5.42 -5.50
CA TRP A 317 4.57 6.81 -5.08
C TRP A 317 5.88 7.58 -4.86
N LEU A 318 6.95 6.94 -4.41
CA LEU A 318 8.17 7.69 -4.13
C LEU A 318 8.73 8.38 -5.39
N PRO A 319 8.78 7.74 -6.57
CA PRO A 319 9.24 8.47 -7.75
C PRO A 319 8.39 9.67 -8.09
N TYR A 320 7.07 9.56 -7.89
CA TYR A 320 6.12 10.63 -8.19
C TYR A 320 6.38 11.88 -7.36
N HIS A 321 6.65 11.73 -6.06
CA HIS A 321 7.05 12.87 -5.24
C HIS A 321 8.40 13.47 -5.67
N VAL A 322 9.35 12.65 -6.13
CA VAL A 322 10.63 13.17 -6.61
C VAL A 322 10.45 14.06 -7.84
N ARG A 323 9.56 13.66 -8.74
CA ARG A 323 9.24 14.51 -9.89
C ARG A 323 8.69 15.86 -9.42
N ARG A 324 7.75 15.85 -8.48
CA ARG A 324 7.17 17.10 -8.00
C ARG A 324 8.24 18.00 -7.38
N LEU A 325 9.20 17.40 -6.67
CA LEU A 325 10.29 18.12 -6.04
C LEU A 325 11.30 18.71 -7.03
N MET A 326 11.30 18.22 -8.28
CA MET A 326 12.15 18.77 -9.32
C MET A 326 11.63 20.10 -9.84
N PHE A 327 10.29 20.25 -9.87
CA PHE A 327 9.63 21.49 -10.26
C PHE A 327 10.04 22.61 -9.33
N CYS A 328 10.15 22.31 -8.04
CA CYS A 328 10.55 23.33 -7.05
C CYS A 328 12.04 23.66 -7.07
N TYR A 329 12.94 22.69 -7.24
CA TYR A 329 14.37 22.96 -7.03
C TYR A 329 15.28 22.87 -8.25
N ILE A 330 14.80 22.47 -9.43
CA ILE A 330 15.68 22.21 -10.57
C ILE A 330 15.33 23.20 -11.68
N SER A 331 15.99 24.34 -11.69
CA SER A 331 15.67 25.41 -12.65
C SER A 331 16.03 25.03 -14.08
N TRP A 335 19.38 23.49 -20.31
CA TRP A 335 19.86 22.12 -20.31
C TRP A 335 20.37 21.72 -21.69
N THR A 336 21.17 20.67 -21.74
CA THR A 336 21.67 20.13 -22.99
C THR A 336 20.62 19.24 -23.64
N PRO A 337 20.97 18.59 -24.76
CA PRO A 337 20.04 17.61 -25.34
C PRO A 337 19.90 16.36 -24.50
N PHE A 338 20.98 15.87 -23.89
CA PHE A 338 20.82 14.69 -23.04
C PHE A 338 19.92 14.97 -21.85
N LEU A 339 20.14 16.09 -21.16
CA LEU A 339 19.37 16.31 -19.95
C LEU A 339 17.91 16.54 -20.29
N TYR A 340 17.64 17.21 -21.41
CA TYR A 340 16.27 17.49 -21.77
C TYR A 340 15.48 16.20 -21.88
N ASP A 341 16.04 15.21 -22.58
CA ASP A 341 15.35 13.95 -22.82
C ASP A 341 15.17 13.14 -21.55
N PHE A 342 16.18 13.13 -20.67
CA PHE A 342 16.03 12.45 -19.40
C PHE A 342 14.87 13.03 -18.59
N TYR A 343 14.63 14.33 -18.68
CA TYR A 343 13.55 14.92 -17.91
C TYR A 343 12.20 14.63 -18.55
N HIS A 344 12.15 14.60 -19.88
CA HIS A 344 10.89 14.30 -20.55
C HIS A 344 10.39 12.91 -20.20
N TYR A 345 11.26 11.90 -20.26
CA TYR A 345 10.87 10.52 -20.01
C TYR A 345 10.57 10.26 -18.54
N PHE A 346 11.31 10.90 -17.64
CA PHE A 346 11.03 10.75 -16.23
C PHE A 346 9.64 11.27 -15.89
N TYR A 347 9.22 12.35 -16.54
CA TYR A 347 7.87 12.88 -16.35
C TYR A 347 6.78 11.91 -16.83
N MET A 348 6.93 11.35 -18.03
CA MET A 348 5.91 10.41 -18.53
C MET A 348 5.86 9.14 -17.70
N VAL A 349 7.02 8.64 -17.25
CA VAL A 349 7.03 7.41 -16.48
C VAL A 349 6.29 7.60 -15.16
N THR A 350 6.53 8.72 -14.49
CA THR A 350 5.84 8.99 -13.23
C THR A 350 4.33 9.10 -13.42
N ASN A 351 3.87 9.54 -14.60
CA ASN A 351 2.43 9.66 -14.83
C ASN A 351 1.77 8.31 -14.93
N ALA A 352 2.40 7.37 -15.63
CA ALA A 352 1.86 6.02 -15.74
C ALA A 352 1.82 5.31 -14.39
N LEU A 353 2.81 5.57 -13.52
CA LEU A 353 2.86 4.93 -12.21
C LEU A 353 1.68 5.32 -11.32
N PHE A 354 1.13 6.52 -11.53
CA PHE A 354 -0.04 6.97 -10.77
C PHE A 354 -1.23 6.04 -10.97
N TYR A 355 -1.50 5.63 -12.21
CA TYR A 355 -2.55 4.66 -12.48
C TYR A 355 -2.17 3.23 -12.06
N VAL A 356 -0.90 2.84 -12.22
CA VAL A 356 -0.49 1.49 -11.86
C VAL A 356 -0.80 1.21 -10.38
N SER A 357 -0.66 2.21 -9.53
CA SER A 357 -0.95 2.03 -8.11
C SER A 357 -2.40 1.60 -7.87
N SER A 358 -3.34 2.14 -8.64
CA SER A 358 -4.77 1.81 -8.54
C SER A 358 -5.12 0.40 -8.99
N THR A 359 -4.23 -0.30 -9.69
CA THR A 359 -4.55 -1.61 -10.24
C THR A 359 -3.83 -2.78 -9.57
N ILE A 360 -2.74 -2.54 -8.85
CA ILE A 360 -1.91 -3.61 -8.28
C ILE A 360 -2.61 -4.43 -7.18
N ASN A 361 -3.35 -3.82 -6.24
CA ASN A 361 -3.88 -4.54 -5.07
C ASN A 361 -4.64 -5.85 -5.34
N PRO A 362 -5.72 -5.84 -6.11
CA PRO A 362 -6.46 -7.10 -6.34
C PRO A 362 -5.54 -8.23 -6.79
N ILE A 363 -4.59 -7.92 -7.66
CA ILE A 363 -3.61 -8.92 -8.09
C ILE A 363 -2.86 -9.49 -6.88
N LEU A 364 -2.39 -8.62 -5.99
CA LEU A 364 -1.68 -9.09 -4.81
C LEU A 364 -2.54 -9.98 -3.92
N TYR A 365 -3.84 -9.66 -3.77
CA TYR A 365 -4.68 -10.43 -2.87
C TYR A 365 -4.79 -11.89 -3.31
N ASN A 366 -5.01 -12.12 -4.60
CA ASN A 366 -5.16 -13.48 -5.10
C ASN A 366 -3.87 -14.28 -4.94
N LEU A 367 -2.72 -13.67 -5.23
CA LEU A 367 -1.45 -14.38 -5.14
C LEU A 367 -1.14 -14.80 -3.71
N VAL A 368 -1.29 -13.89 -2.75
CA VAL A 368 -0.90 -14.17 -1.38
C VAL A 368 -1.88 -15.12 -0.69
N SER A 369 -3.18 -14.98 -0.92
CA SER A 369 -4.19 -15.69 -0.14
C SER A 369 -4.94 -16.71 -0.96
N ALA A 370 -4.96 -17.95 -0.50
CA ALA A 370 -5.71 -19.02 -1.17
C ALA A 370 -7.21 -18.85 -1.01
N ASN A 371 -7.66 -18.49 0.20
CA ASN A 371 -9.09 -18.38 0.48
C ASN A 371 -9.74 -17.26 -0.33
N PHE A 372 -9.13 -16.08 -0.38
CA PHE A 372 -9.66 -14.98 -1.17
C PHE A 372 -9.80 -15.40 -2.63
N ARG A 373 -8.81 -16.13 -3.14
CA ARG A 373 -8.82 -16.52 -4.54
C ARG A 373 -10.06 -17.36 -4.87
N HIS A 374 -10.37 -18.34 -4.02
CA HIS A 374 -11.50 -19.21 -4.31
C HIS A 374 -12.81 -18.44 -4.31
N ILE A 375 -13.04 -17.60 -3.29
CA ILE A 375 -14.26 -16.81 -3.27
C ILE A 375 -14.26 -15.79 -4.41
N PHE A 376 -13.10 -15.19 -4.67
CA PHE A 376 -12.99 -14.19 -5.74
C PHE A 376 -13.23 -14.86 -7.08
N LEU A 377 -12.62 -16.01 -7.29
CA LEU A 377 -12.81 -16.74 -8.55
C LEU A 377 -14.26 -17.15 -8.69
N ALA A 378 -14.89 -17.53 -7.58
CA ALA A 378 -16.30 -17.87 -7.59
C ALA A 378 -17.15 -16.67 -7.99
N THR A 379 -16.90 -15.52 -7.37
CA THR A 379 -17.69 -14.33 -7.70
C THR A 379 -17.37 -13.83 -9.11
N LEU A 380 -16.10 -13.77 -9.48
CA LEU A 380 -15.76 -13.36 -10.83
C LEU A 380 -16.22 -14.41 -11.83
N GLN B 3 11.97 -30.66 5.67
CA GLN B 3 13.33 -30.14 5.62
C GLN B 3 14.08 -30.44 6.91
N VAL B 4 13.39 -30.23 8.04
CA VAL B 4 14.02 -30.51 9.33
C VAL B 4 14.35 -31.99 9.44
N GLN B 5 15.52 -32.27 9.99
CA GLN B 5 15.97 -33.63 10.21
C GLN B 5 16.41 -33.77 11.67
N LEU B 6 16.17 -34.94 12.23
CA LEU B 6 16.49 -35.20 13.63
C LEU B 6 17.54 -36.31 13.71
N GLN B 7 18.56 -36.08 14.53
CA GLN B 7 19.64 -37.04 14.69
C GLN B 7 19.77 -37.48 16.14
N ALA B 25 20.84 -33.68 17.79
CA ALA B 25 21.19 -32.48 17.02
C ALA B 25 20.29 -32.37 15.81
N ALA B 26 20.00 -31.13 15.42
CA ALA B 26 19.10 -30.83 14.31
C ALA B 26 19.84 -30.00 13.28
N SER B 27 19.59 -30.30 12.02
CA SER B 27 20.21 -29.60 10.91
C SER B 27 19.23 -29.61 9.75
N GLY B 28 19.45 -28.69 8.82
CA GLY B 28 18.58 -28.57 7.67
C GLY B 28 18.38 -27.11 7.36
N THR B 29 17.13 -26.68 7.30
CA THR B 29 16.81 -25.27 7.09
C THR B 29 15.84 -24.85 8.19
N ILE B 30 16.36 -24.23 9.25
CA ILE B 30 15.54 -23.86 10.38
C ILE B 30 15.78 -22.40 10.69
N PHE B 31 14.71 -21.62 10.68
CA PHE B 31 14.78 -20.22 11.08
C PHE B 31 15.01 -20.16 12.58
N ARG B 32 14.28 -20.98 13.34
CA ARG B 32 14.34 -20.97 14.80
C ARG B 32 13.84 -22.30 15.38
N LEU B 33 14.43 -22.68 16.51
CA LEU B 33 14.08 -23.89 17.23
C LEU B 33 13.51 -23.49 18.57
N TYR B 34 12.45 -24.17 19.01
CA TYR B 34 11.82 -23.67 20.21
C TYR B 34 11.92 -24.66 21.37
N ASP B 35 11.01 -25.65 21.44
CA ASP B 35 10.99 -26.59 22.56
C ASP B 35 11.55 -27.93 22.14
N MET B 36 12.64 -28.34 22.77
CA MET B 36 13.25 -29.63 22.52
C MET B 36 13.22 -30.44 23.81
N GLY B 37 12.84 -31.71 23.70
CA GLY B 37 12.75 -32.56 24.87
C GLY B 37 12.93 -34.01 24.50
N TRP B 38 13.18 -34.82 25.52
CA TRP B 38 13.26 -36.26 25.34
C TRP B 38 11.89 -36.90 25.57
N TYR B 39 11.41 -37.67 24.60
CA TYR B 39 10.13 -38.33 24.71
C TYR B 39 10.34 -39.84 24.77
N VAL B 50 9.72 -37.76 28.73
CA VAL B 50 10.49 -37.73 29.97
C VAL B 50 10.75 -36.29 30.43
N ALA B 51 11.45 -35.51 29.61
CA ALA B 51 11.83 -34.16 29.99
C ALA B 51 11.80 -33.28 28.75
N SER B 52 11.63 -31.98 28.96
CA SER B 52 11.60 -31.00 27.90
C SER B 52 12.39 -29.78 28.30
N ILE B 53 12.99 -29.13 27.31
CA ILE B 53 13.78 -27.92 27.52
C ILE B 53 13.34 -26.91 26.48
N THR B 54 13.48 -25.65 26.82
CA THR B 54 12.99 -24.57 25.98
C THR B 54 14.11 -23.60 25.65
N SER B 55 13.87 -22.79 24.64
CA SER B 55 14.81 -21.74 24.33
C SER B 55 14.87 -20.85 25.56
N GLY B 56 16.07 -20.61 26.06
CA GLY B 56 16.25 -19.90 27.30
C GLY B 56 16.47 -20.80 28.50
N GLY B 57 16.16 -22.09 28.38
CA GLY B 57 16.45 -23.09 29.38
C GLY B 57 15.37 -23.45 30.38
N SER B 58 14.22 -22.77 30.40
CA SER B 58 13.17 -23.21 31.32
C SER B 58 12.89 -24.70 31.09
N THR B 59 12.80 -25.47 32.17
CA THR B 59 12.70 -26.91 32.00
C THR B 59 11.76 -27.55 33.00
N LYS B 60 11.26 -28.72 32.60
CA LYS B 60 10.41 -29.58 33.39
C LYS B 60 10.78 -31.02 33.02
N TYR B 61 10.57 -31.94 33.96
CA TYR B 61 10.84 -33.35 33.72
C TYR B 61 9.58 -34.17 34.01
N SER B 72 19.06 -30.40 30.63
CA SER B 72 20.29 -29.84 30.08
C SER B 72 20.14 -29.49 28.61
N ARG B 73 20.62 -28.30 28.24
CA ARG B 73 20.45 -27.81 26.89
C ARG B 73 21.63 -26.93 26.51
N ASP B 74 22.06 -27.03 25.26
CA ASP B 74 23.04 -26.11 24.69
C ASP B 74 22.29 -25.32 23.62
N ASN B 75 21.90 -24.09 23.96
CA ASN B 75 21.04 -23.32 23.06
C ASN B 75 21.73 -23.00 21.74
N ALA B 76 23.00 -22.60 21.80
CA ALA B 76 23.71 -22.21 20.59
C ALA B 76 23.93 -23.38 19.64
N LYS B 77 24.26 -24.55 20.19
CA LYS B 77 24.67 -25.71 19.39
C LYS B 77 23.52 -26.38 18.63
N ASN B 78 22.27 -26.06 18.93
CA ASN B 78 21.14 -26.76 18.32
C ASN B 78 21.13 -28.22 18.71
N THR B 79 21.59 -28.52 19.93
CA THR B 79 21.65 -29.87 20.45
C THR B 79 21.04 -29.88 21.84
N VAL B 80 20.41 -30.99 22.19
CA VAL B 80 19.85 -31.11 23.53
C VAL B 80 20.35 -32.40 24.16
N TYR B 96 12.66 -41.14 22.34
CA TYR B 96 12.42 -40.31 21.18
C TYR B 96 12.65 -38.83 21.51
N CYS B 97 13.30 -38.12 20.59
CA CYS B 97 13.54 -36.70 20.70
C CYS B 97 12.64 -35.92 19.75
N ASN B 98 11.88 -34.97 20.29
CA ASN B 98 10.92 -34.17 19.54
C ASN B 98 11.28 -32.70 19.66
N ALA B 99 11.26 -31.98 18.54
CA ALA B 99 11.66 -30.59 18.50
C ALA B 99 10.61 -29.72 17.80
N GLU B 100 10.33 -28.56 18.39
CA GLU B 100 9.47 -27.55 17.78
C GLU B 100 10.30 -26.59 16.94
N TYR B 101 9.82 -26.26 15.75
CA TYR B 101 10.62 -25.42 14.86
C TYR B 101 9.74 -24.63 13.91
N ARG B 102 10.37 -23.64 13.28
CA ARG B 102 9.74 -22.85 12.23
C ARG B 102 10.76 -22.67 11.11
N THR B 103 10.29 -22.68 9.87
CA THR B 103 11.16 -22.65 8.71
C THR B 103 11.26 -21.25 8.12
N GLY B 104 10.35 -20.37 8.50
CA GLY B 104 10.36 -18.97 8.07
C GLY B 104 9.64 -18.14 9.10
N ILE B 105 9.85 -16.82 9.01
CA ILE B 105 9.17 -15.88 9.91
C ILE B 105 7.65 -15.92 9.74
N TRP B 106 7.15 -16.15 8.54
CA TRP B 106 5.70 -16.14 8.30
C TRP B 106 5.03 -17.50 8.44
N GLU B 107 5.75 -18.57 8.79
CA GLU B 107 5.24 -19.93 8.79
C GLU B 107 4.64 -20.32 10.15
N GLU B 108 3.90 -21.42 10.15
CA GLU B 108 3.27 -21.99 11.35
C GLU B 108 4.26 -22.84 12.18
N LEU B 109 3.94 -22.99 13.47
CA LEU B 109 4.73 -23.79 14.39
C LEU B 109 4.54 -25.30 14.16
N LEU B 110 5.64 -26.04 14.04
CA LEU B 110 5.62 -27.48 13.77
C LEU B 110 6.52 -28.23 14.76
N ASP B 111 6.17 -29.48 15.03
CA ASP B 111 7.00 -30.36 15.85
C ASP B 111 7.35 -31.63 15.08
N GLY B 112 8.63 -31.97 15.04
CA GLY B 112 9.11 -33.13 14.30
C GLY B 112 9.82 -34.12 15.21
N TRP B 113 9.66 -35.42 14.94
CA TRP B 113 10.24 -36.46 15.77
C TRP B 113 11.48 -37.06 15.14
N GLY B 114 12.29 -37.69 16.00
CA GLY B 114 13.50 -38.35 15.56
C GLY B 114 13.45 -39.86 15.70
C4 Q6Q C . 3.27 21.46 -10.00
C5 Q6Q C . 2.58 22.73 -10.51
C6 Q6Q C . 2.80 22.83 -12.02
C7 Q6Q C . 2.18 21.61 -12.70
C8 Q6Q C . 0.66 21.57 -12.39
C10 Q6Q C . 0.43 21.47 -10.87
C Q6Q C . 5.14 19.22 -12.39
O Q6Q C . 4.89 18.27 -11.64
C1 Q6Q C . 2.85 20.30 -12.19
C2 Q6Q C . 2.20 19.11 -12.88
C3 Q6Q C . 2.62 20.23 -10.64
C9 Q6Q C . 1.08 22.68 -10.18
O1 Q6Q C . 1.88 18.13 -12.26
O2 Q6Q C . 1.98 19.15 -14.05
CL Q6Q C . 11.24 17.76 -20.32
C27 Q6Q C . 10.39 18.50 -18.99
C26 Q6Q C . 9.89 17.72 -17.94
C25 Q6Q C . 9.22 18.31 -16.92
C28 Q6Q C . 10.20 19.85 -19.01
C29 Q6Q C . 9.52 20.50 -17.96
C24 Q6Q C . 9.03 19.71 -16.89
N3 Q6Q C . 9.38 21.85 -18.03
C30 Q6Q C . 8.75 22.44 -17.04
C31 Q6Q C . 8.21 21.75 -15.95
C23 Q6Q C . 8.30 20.39 -15.88
N2 Q6Q C . 7.80 19.83 -14.67
N1 Q6Q C . 6.51 19.89 -14.28
C13 Q6Q C . 8.56 19.28 -13.68
C14 Q6Q C . 10.01 19.10 -13.85
C20 Q6Q C . 10.87 20.21 -13.78
O4 Q6Q C . 10.24 21.40 -13.55
C21 Q6Q C . 10.97 22.60 -13.56
C19 Q6Q C . 12.25 20.05 -13.93
C18 Q6Q C . 12.77 18.80 -14.16
C17 Q6Q C . 11.97 17.69 -14.26
C15 Q6Q C . 10.58 17.82 -14.11
O3 Q6Q C . 9.71 16.76 -14.17
C16 Q6Q C . 10.15 15.43 -14.44
C22 Q6Q C . 7.71 18.94 -12.66
C12 Q6Q C . 6.44 19.38 -13.06
N Q6Q C . 4.25 20.20 -12.64
C11 Q6Q C . 1.10 20.20 -10.33
NA NA D . -6.44 3.74 -3.97
#